data_9F50
#
_entry.id   9F50
#
_cell.length_a   38.019
_cell.length_b   43.907
_cell.length_c   56.168
_cell.angle_alpha   90.000
_cell.angle_beta   94.360
_cell.angle_gamma   90.000
#
_symmetry.space_group_name_H-M   'P 1 21 1'
#
loop_
_entity.id
_entity.type
_entity.pdbx_description
1 polymer 'Heterogeneous nuclear ribonucleoprotein A1, N-terminally processed'
2 non-polymer 5-chloro-2-(propan-2-yl)pyrimidine-4-carboxamide
3 water water
#
_entity_poly.entity_id   1
_entity_poly.type   'polypeptide(L)'
_entity_poly.pdbx_seq_one_letter_code
;GPMGSKSESPKEPEQLRKLFIGGLSFETTDESLRSHFEQWGTLTDCVVMRDPNTKRSRGFGFVTYATVEEVDAAMNARPH
KVDGRVVEPKRAVSREDSQRPGAHLTVKKIFVGGIKEDTEEHHLRDYFEQYGKIEVIEIMTDRGSGKKRGFAFVTFDDHD
SVDKIVIQKYHTVNGHNCEVRKALSKQEMASASSSQRG
;
_entity_poly.pdbx_strand_id   A
#
# COMPACT_ATOMS: atom_id res chain seq x y z
N PRO A 10 -12.27 2.66 -19.45
CA PRO A 10 -11.14 1.75 -19.20
C PRO A 10 -10.94 1.54 -17.70
N LYS A 11 -11.53 0.47 -17.17
CA LYS A 11 -11.51 0.25 -15.72
C LYS A 11 -10.14 -0.27 -15.30
N GLU A 12 -9.64 0.24 -14.17
CA GLU A 12 -8.42 -0.33 -13.62
C GLU A 12 -8.68 -1.81 -13.27
N PRO A 13 -7.67 -2.67 -13.36
CA PRO A 13 -7.85 -4.07 -12.96
C PRO A 13 -8.43 -4.18 -11.56
N GLU A 14 -9.39 -5.10 -11.42
CA GLU A 14 -10.08 -5.29 -10.15
C GLU A 14 -9.12 -5.53 -8.99
N GLN A 15 -8.07 -6.32 -9.22
CA GLN A 15 -7.12 -6.60 -8.16
C GLN A 15 -6.56 -5.35 -7.54
N LEU A 16 -6.39 -4.28 -8.33
CA LEU A 16 -5.80 -3.06 -7.80
C LEU A 16 -6.84 -2.17 -7.12
N ARG A 17 -8.10 -2.58 -7.13
CA ARG A 17 -9.19 -1.83 -6.52
C ARG A 17 -9.70 -2.48 -5.24
N LYS A 18 -9.02 -3.53 -4.82
CA LYS A 18 -9.49 -4.30 -3.66
C LYS A 18 -8.75 -3.94 -2.38
N LEU A 19 -9.47 -3.94 -1.28
CA LEU A 19 -8.77 -3.78 0.00
C LEU A 19 -9.08 -4.99 0.88
N PHE A 20 -8.03 -5.65 1.38
N PHE A 20 -8.03 -5.64 1.40
CA PHE A 20 -8.25 -6.75 2.33
CA PHE A 20 -8.24 -6.76 2.33
C PHE A 20 -8.35 -6.12 3.70
C PHE A 20 -8.33 -6.15 3.72
N ILE A 21 -9.42 -6.44 4.43
CA ILE A 21 -9.62 -5.82 5.77
C ILE A 21 -9.48 -6.89 6.86
N GLY A 22 -8.38 -6.82 7.60
CA GLY A 22 -8.18 -7.76 8.70
C GLY A 22 -8.57 -7.16 10.03
N GLY A 23 -8.69 -8.02 11.02
CA GLY A 23 -8.98 -7.54 12.37
C GLY A 23 -10.42 -7.16 12.59
N LEU A 24 -11.33 -7.74 11.80
CA LEU A 24 -12.72 -7.36 11.95
C LEU A 24 -13.30 -7.83 13.28
N SER A 25 -14.22 -7.02 13.80
CA SER A 25 -15.12 -7.56 14.80
C SER A 25 -15.90 -8.73 14.22
N PHE A 26 -16.07 -9.78 15.03
CA PHE A 26 -16.86 -10.93 14.58
C PHE A 26 -18.31 -10.54 14.34
N GLU A 27 -18.77 -9.39 14.85
CA GLU A 27 -20.13 -8.93 14.59
C GLU A 27 -20.27 -8.16 13.28
N THR A 28 -19.17 -7.80 12.62
CA THR A 28 -19.26 -7.12 11.33
C THR A 28 -19.85 -8.02 10.26
N THR A 29 -20.76 -7.47 9.48
CA THR A 29 -21.48 -8.16 8.42
C THR A 29 -21.12 -7.53 7.08
N ASP A 30 -21.51 -8.20 5.99
CA ASP A 30 -21.38 -7.60 4.67
C ASP A 30 -21.97 -6.20 4.67
N GLU A 31 -23.14 -6.07 5.27
CA GLU A 31 -23.85 -4.80 5.27
C GLU A 31 -23.15 -3.73 6.10
N SER A 32 -22.65 -4.08 7.30
CA SER A 32 -22.02 -3.04 8.11
C SER A 32 -20.62 -2.69 7.59
N LEU A 33 -19.91 -3.66 7.00
CA LEU A 33 -18.64 -3.36 6.34
C LEU A 33 -18.85 -2.42 5.16
N ARG A 34 -19.90 -2.67 4.37
CA ARG A 34 -20.22 -1.82 3.23
C ARG A 34 -20.62 -0.42 3.67
N SER A 35 -21.51 -0.32 4.66
CA SER A 35 -21.92 1.02 5.11
C SER A 35 -20.72 1.84 5.58
N HIS A 36 -19.73 1.19 6.19
CA HIS A 36 -18.56 1.93 6.64
C HIS A 36 -17.73 2.40 5.45
N PHE A 37 -17.33 1.46 4.60
CA PHE A 37 -16.36 1.81 3.56
C PHE A 37 -16.97 2.52 2.37
N GLU A 38 -18.30 2.55 2.24
CA GLU A 38 -18.91 3.37 1.19
C GLU A 38 -18.71 4.86 1.44
N GLN A 39 -18.24 5.26 2.63
CA GLN A 39 -17.93 6.67 2.84
C GLN A 39 -16.84 7.17 1.91
N TRP A 40 -15.97 6.29 1.40
CA TRP A 40 -14.84 6.74 0.59
C TRP A 40 -14.92 6.34 -0.87
N GLY A 41 -16.04 5.78 -1.31
CA GLY A 41 -16.18 5.50 -2.72
C GLY A 41 -17.28 4.48 -2.97
N THR A 42 -17.56 4.28 -4.25
CA THR A 42 -18.51 3.28 -4.69
C THR A 42 -17.92 1.88 -4.51
N LEU A 43 -18.63 1.00 -3.80
CA LEU A 43 -18.18 -0.37 -3.59
C LEU A 43 -18.88 -1.31 -4.57
N THR A 44 -18.11 -1.93 -5.45
CA THR A 44 -18.65 -2.95 -6.33
C THR A 44 -18.73 -4.32 -5.68
N ASP A 45 -18.06 -4.54 -4.55
CA ASP A 45 -18.11 -5.81 -3.85
C ASP A 45 -17.73 -5.55 -2.41
N CYS A 46 -18.26 -6.35 -1.51
CA CYS A 46 -18.02 -6.21 -0.07
C CYS A 46 -18.41 -7.52 0.62
N VAL A 47 -17.43 -8.22 1.17
N VAL A 47 -17.43 -8.22 1.17
CA VAL A 47 -17.63 -9.59 1.68
CA VAL A 47 -17.64 -9.57 1.69
C VAL A 47 -16.91 -9.75 3.01
C VAL A 47 -16.93 -9.71 3.03
N VAL A 48 -17.63 -10.28 4.01
CA VAL A 48 -17.02 -10.76 5.25
C VAL A 48 -16.80 -12.25 5.09
N MET A 49 -15.58 -12.72 5.34
CA MET A 49 -15.33 -14.15 5.23
C MET A 49 -15.82 -14.89 6.47
N ARG A 50 -16.51 -16.01 6.23
CA ARG A 50 -17.15 -16.78 7.29
C ARG A 50 -16.82 -18.25 7.16
N ASP A 51 -16.88 -18.94 8.30
CA ASP A 51 -16.78 -20.39 8.27
C ASP A 51 -17.93 -21.00 7.47
N PRO A 52 -17.66 -22.00 6.63
CA PRO A 52 -18.75 -22.56 5.80
C PRO A 52 -19.79 -23.32 6.59
N ASN A 53 -19.43 -23.85 7.77
CA ASN A 53 -20.37 -24.63 8.55
C ASN A 53 -21.04 -23.82 9.66
N THR A 54 -20.28 -23.05 10.43
CA THR A 54 -20.84 -22.34 11.57
C THR A 54 -21.37 -20.96 11.21
N LYS A 55 -20.96 -20.40 10.07
CA LYS A 55 -21.21 -19.02 9.65
C LYS A 55 -20.55 -18.01 10.57
N ARG A 56 -19.72 -18.45 11.52
CA ARG A 56 -18.99 -17.51 12.36
C ARG A 56 -17.92 -16.81 11.53
N SER A 57 -17.80 -15.50 11.73
CA SER A 57 -16.81 -14.70 11.03
C SER A 57 -15.40 -15.24 11.21
N ARG A 58 -14.63 -15.18 10.12
CA ARG A 58 -13.22 -15.46 10.17
C ARG A 58 -12.41 -14.24 10.57
N GLY A 59 -13.05 -13.10 10.80
CA GLY A 59 -12.34 -11.93 11.26
C GLY A 59 -11.68 -11.11 10.19
N PHE A 60 -12.02 -11.37 8.94
CA PHE A 60 -11.47 -10.55 7.84
C PHE A 60 -12.43 -10.59 6.68
N GLY A 61 -12.21 -9.64 5.79
CA GLY A 61 -13.05 -9.56 4.60
C GLY A 61 -12.39 -8.67 3.58
N PHE A 62 -13.14 -8.36 2.53
N PHE A 62 -13.14 -8.36 2.53
CA PHE A 62 -12.56 -7.52 1.45
CA PHE A 62 -12.56 -7.54 1.44
C PHE A 62 -13.60 -6.60 0.88
C PHE A 62 -13.60 -6.61 0.88
N VAL A 63 -13.16 -5.46 0.38
CA VAL A 63 -14.09 -4.51 -0.26
C VAL A 63 -13.44 -4.20 -1.62
N THR A 64 -14.24 -3.97 -2.63
CA THR A 64 -13.73 -3.58 -3.96
C THR A 64 -14.34 -2.24 -4.34
N TYR A 65 -13.48 -1.25 -4.57
CA TYR A 65 -13.93 0.06 -5.02
C TYR A 65 -14.00 0.13 -6.54
N ALA A 66 -14.72 1.14 -7.02
CA ALA A 66 -14.84 1.34 -8.46
C ALA A 66 -13.56 1.87 -9.08
N THR A 67 -12.73 2.56 -8.32
CA THR A 67 -11.49 3.15 -8.85
C THR A 67 -10.37 3.08 -7.82
N VAL A 68 -9.14 3.18 -8.33
CA VAL A 68 -7.96 3.21 -7.47
C VAL A 68 -7.93 4.47 -6.62
N GLU A 69 -8.38 5.61 -7.15
CA GLU A 69 -8.43 6.81 -6.31
C GLU A 69 -9.31 6.61 -5.09
N GLU A 70 -10.37 5.80 -5.20
CA GLU A 70 -11.21 5.52 -4.05
C GLU A 70 -10.46 4.67 -3.03
N VAL A 71 -9.67 3.69 -3.50
CA VAL A 71 -8.81 2.92 -2.60
C VAL A 71 -7.89 3.86 -1.83
N ASP A 72 -7.22 4.77 -2.56
CA ASP A 72 -6.37 5.77 -1.94
C ASP A 72 -7.12 6.57 -0.88
N ALA A 73 -8.34 7.00 -1.18
CA ALA A 73 -9.11 7.77 -0.20
C ALA A 73 -9.37 6.96 1.05
N ALA A 74 -9.73 5.69 0.89
CA ALA A 74 -9.96 4.85 2.05
C ALA A 74 -8.70 4.66 2.87
N MET A 75 -7.57 4.37 2.21
CA MET A 75 -6.31 4.26 2.95
C MET A 75 -5.92 5.56 3.63
N ASN A 76 -6.19 6.70 2.99
CA ASN A 76 -5.81 7.97 3.62
C ASN A 76 -6.70 8.30 4.81
N ALA A 77 -7.84 7.62 4.97
CA ALA A 77 -8.74 7.84 6.09
C ALA A 77 -8.50 6.87 7.24
N ARG A 78 -7.48 6.01 7.17
CA ARG A 78 -7.09 5.24 8.34
C ARG A 78 -6.70 6.18 9.48
N PRO A 79 -6.82 5.72 10.74
CA PRO A 79 -7.32 4.40 11.15
C PRO A 79 -8.82 4.28 11.02
N HIS A 80 -9.26 3.10 10.61
CA HIS A 80 -10.68 2.80 10.48
C HIS A 80 -11.16 1.99 11.68
N LYS A 81 -12.16 2.53 12.37
CA LYS A 81 -12.82 1.83 13.46
C LYS A 81 -14.17 1.37 12.92
N VAL A 82 -14.32 0.06 12.76
CA VAL A 82 -15.49 -0.55 12.12
C VAL A 82 -16.18 -1.38 13.20
N ASP A 83 -17.43 -1.03 13.49
CA ASP A 83 -18.20 -1.73 14.51
C ASP A 83 -17.42 -1.84 15.82
N GLY A 84 -16.71 -0.76 16.18
CA GLY A 84 -16.04 -0.63 17.46
C GLY A 84 -14.62 -1.16 17.53
N ARG A 85 -14.07 -1.65 16.43
CA ARG A 85 -12.75 -2.25 16.41
C ARG A 85 -11.91 -1.60 15.33
N VAL A 86 -10.66 -1.26 15.64
CA VAL A 86 -9.74 -0.72 14.63
C VAL A 86 -9.28 -1.87 13.74
N VAL A 87 -9.56 -1.75 12.44
CA VAL A 87 -9.27 -2.83 11.50
C VAL A 87 -7.97 -2.53 10.76
N GLU A 88 -7.53 -3.45 9.91
CA GLU A 88 -6.24 -3.35 9.24
C GLU A 88 -6.43 -3.51 7.73
N PRO A 89 -6.57 -2.40 6.99
CA PRO A 89 -6.80 -2.51 5.55
C PRO A 89 -5.45 -2.62 4.87
N LYS A 90 -5.40 -3.45 3.83
CA LYS A 90 -4.18 -3.57 3.02
C LYS A 90 -4.58 -3.80 1.57
N ARG A 91 -3.82 -3.22 0.66
CA ARG A 91 -4.09 -3.50 -0.76
C ARG A 91 -3.78 -4.97 -1.06
N ALA A 92 -4.48 -5.51 -2.04
CA ALA A 92 -4.34 -6.93 -2.38
C ALA A 92 -2.91 -7.22 -2.80
N VAL A 93 -2.51 -8.48 -2.63
CA VAL A 93 -1.12 -8.89 -2.95
C VAL A 93 -0.75 -8.73 -4.42
N SER A 94 0.55 -8.50 -4.69
CA SER A 94 1.07 -8.36 -6.08
C SER A 94 2.08 -9.48 -6.38
N HIS A 104 0.67 -11.17 2.01
CA HIS A 104 1.13 -9.79 1.91
C HIS A 104 2.44 -9.61 2.66
N LEU A 105 3.46 -9.12 1.96
CA LEU A 105 4.75 -8.81 2.56
C LEU A 105 4.70 -7.36 3.01
N THR A 106 4.44 -7.13 4.29
CA THR A 106 4.06 -5.79 4.77
C THR A 106 5.31 -5.09 5.29
N VAL A 107 5.87 -4.18 4.48
CA VAL A 107 7.11 -3.52 4.84
C VAL A 107 6.98 -2.03 4.53
N LYS A 108 7.89 -1.26 5.12
CA LYS A 108 7.90 0.20 5.01
C LYS A 108 9.10 0.72 4.23
N LYS A 109 9.90 -0.17 3.65
CA LYS A 109 11.17 0.21 3.04
C LYS A 109 11.24 -0.33 1.62
N ILE A 110 11.79 0.48 0.71
CA ILE A 110 12.01 0.07 -0.67
C ILE A 110 13.49 0.16 -1.02
N PHE A 111 13.88 -0.75 -1.92
CA PHE A 111 15.12 -0.68 -2.67
C PHE A 111 14.85 0.10 -3.96
N VAL A 112 15.73 1.03 -4.29
CA VAL A 112 15.66 1.82 -5.53
C VAL A 112 16.96 1.62 -6.27
N GLY A 113 16.92 0.91 -7.39
CA GLY A 113 18.12 0.67 -8.17
C GLY A 113 18.14 1.38 -9.50
N GLY A 114 19.32 1.50 -10.07
CA GLY A 114 19.47 2.13 -11.37
C GLY A 114 19.58 3.64 -11.34
N ILE A 115 19.91 4.23 -10.18
CA ILE A 115 19.99 5.68 -10.06
C ILE A 115 21.37 6.22 -10.39
N LYS A 116 22.36 5.36 -10.60
CA LYS A 116 23.68 5.74 -11.09
C LYS A 116 24.39 6.65 -10.09
N GLU A 117 25.39 7.43 -10.53
CA GLU A 117 26.19 8.22 -9.62
C GLU A 117 25.72 9.66 -9.45
N ASP A 118 24.76 10.12 -10.24
CA ASP A 118 24.38 11.53 -10.19
C ASP A 118 23.07 11.79 -9.44
N THR A 119 22.44 10.77 -8.88
CA THR A 119 21.19 10.94 -8.16
C THR A 119 21.46 11.25 -6.69
N GLU A 120 20.81 12.30 -6.18
CA GLU A 120 21.04 12.82 -4.84
C GLU A 120 19.79 12.64 -3.99
N GLU A 121 19.92 12.95 -2.69
CA GLU A 121 18.80 12.74 -1.77
C GLU A 121 17.57 13.51 -2.20
N HIS A 122 17.74 14.74 -2.66
CA HIS A 122 16.57 15.56 -2.97
C HIS A 122 15.81 15.03 -4.18
N HIS A 123 16.51 14.38 -5.12
CA HIS A 123 15.83 13.73 -6.25
C HIS A 123 14.87 12.66 -5.75
N LEU A 124 15.36 11.80 -4.86
CA LEU A 124 14.53 10.72 -4.33
C LEU A 124 13.41 11.27 -3.47
N ARG A 125 13.70 12.28 -2.64
CA ARG A 125 12.70 12.83 -1.76
C ARG A 125 11.57 13.48 -2.54
N ASP A 126 11.93 14.31 -3.54
CA ASP A 126 10.90 15.05 -4.26
C ASP A 126 9.97 14.09 -4.99
N TYR A 127 10.48 12.96 -5.45
CA TYR A 127 9.65 11.99 -6.14
C TYR A 127 8.84 11.16 -5.16
N PHE A 128 9.50 10.55 -4.18
CA PHE A 128 8.81 9.56 -3.37
C PHE A 128 7.92 10.18 -2.29
N GLU A 129 8.10 11.46 -1.98
CA GLU A 129 7.28 12.04 -0.91
C GLU A 129 5.80 12.10 -1.27
N GLN A 130 5.47 12.03 -2.55
CA GLN A 130 4.08 11.99 -2.97
C GLN A 130 3.44 10.62 -2.82
N TYR A 131 4.21 9.60 -2.46
CA TYR A 131 3.65 8.30 -2.09
C TYR A 131 3.43 8.13 -0.61
N GLY A 132 4.14 8.88 0.22
CA GLY A 132 3.98 8.74 1.66
C GLY A 132 5.03 9.55 2.37
N LYS A 133 4.91 9.55 3.68
CA LYS A 133 5.82 10.31 4.52
C LYS A 133 7.15 9.57 4.65
N ILE A 134 8.22 10.22 4.22
CA ILE A 134 9.54 9.60 4.24
C ILE A 134 10.19 9.81 5.59
N GLU A 135 10.77 8.74 6.14
CA GLU A 135 11.56 8.86 7.36
C GLU A 135 13.05 8.75 7.14
N VAL A 136 13.51 7.93 6.21
CA VAL A 136 14.95 7.74 5.96
C VAL A 136 15.18 7.63 4.47
N ILE A 137 16.21 8.30 3.98
CA ILE A 137 16.76 8.06 2.64
C ILE A 137 18.22 7.68 2.80
N GLU A 138 18.60 6.55 2.25
CA GLU A 138 19.96 6.05 2.36
C GLU A 138 20.51 5.82 0.95
N ILE A 139 21.35 6.73 0.48
CA ILE A 139 22.01 6.58 -0.81
C ILE A 139 23.30 5.79 -0.58
N MET A 140 23.39 4.63 -1.23
CA MET A 140 24.46 3.69 -0.90
C MET A 140 25.77 4.11 -1.55
N THR A 141 26.84 4.02 -0.78
CA THR A 141 28.17 4.37 -1.25
C THR A 141 29.12 3.21 -0.98
N ASP A 142 30.20 3.18 -1.75
CA ASP A 142 31.18 2.12 -1.61
C ASP A 142 31.95 2.26 -0.31
N ARG A 143 32.06 1.13 0.41
CA ARG A 143 32.71 1.07 1.71
C ARG A 143 34.17 1.49 1.65
N GLY A 144 34.83 1.23 0.52
CA GLY A 144 36.24 1.57 0.39
C GLY A 144 36.51 2.95 -0.15
N SER A 145 35.77 3.36 -1.19
CA SER A 145 36.07 4.58 -1.92
C SER A 145 35.11 5.73 -1.64
N GLY A 146 33.94 5.44 -1.08
CA GLY A 146 32.93 6.48 -0.92
C GLY A 146 32.14 6.80 -2.17
N LYS A 147 32.44 6.18 -3.30
CA LYS A 147 31.72 6.47 -4.53
C LYS A 147 30.30 5.93 -4.43
N LYS A 148 29.38 6.63 -5.08
CA LYS A 148 27.99 6.15 -5.11
C LYS A 148 27.90 4.85 -5.89
N ARG A 149 27.11 3.92 -5.37
CA ARG A 149 26.97 2.60 -5.99
C ARG A 149 25.79 2.49 -6.93
N GLY A 150 24.94 3.51 -6.99
CA GLY A 150 23.82 3.48 -7.92
C GLY A 150 22.54 2.89 -7.39
N PHE A 151 22.38 2.77 -6.07
CA PHE A 151 21.10 2.35 -5.52
C PHE A 151 20.92 2.99 -4.15
N ALA A 152 19.68 2.91 -3.65
CA ALA A 152 19.30 3.61 -2.45
C ALA A 152 18.19 2.83 -1.77
N PHE A 153 17.98 3.15 -0.49
CA PHE A 153 16.82 2.64 0.24
C PHE A 153 16.02 3.83 0.77
N VAL A 154 14.70 3.73 0.69
CA VAL A 154 13.81 4.75 1.22
C VAL A 154 12.88 4.08 2.22
N THR A 155 12.81 4.63 3.44
CA THR A 155 11.93 4.14 4.49
C THR A 155 10.82 5.15 4.72
N PHE A 156 9.58 4.65 4.71
CA PHE A 156 8.38 5.44 4.93
C PHE A 156 7.83 5.17 6.32
N ASP A 157 6.88 6.00 6.73
CA ASP A 157 6.26 5.77 8.04
C ASP A 157 5.14 4.74 8.00
N ASP A 158 4.84 4.16 6.84
CA ASP A 158 3.67 3.29 6.72
C ASP A 158 3.79 2.46 5.44
N HIS A 159 3.21 1.27 5.48
CA HIS A 159 3.38 0.31 4.41
C HIS A 159 2.60 0.67 3.14
N ASP A 160 1.52 1.45 3.23
CA ASP A 160 0.73 1.66 2.01
C ASP A 160 1.51 2.42 0.96
N SER A 161 2.38 3.34 1.39
N SER A 161 2.42 3.28 1.41
CA SER A 161 3.28 3.99 0.45
CA SER A 161 3.32 3.99 0.50
C SER A 161 4.03 2.97 -0.40
C SER A 161 4.06 3.00 -0.38
N VAL A 162 4.68 2.00 0.24
CA VAL A 162 5.41 0.96 -0.48
C VAL A 162 4.47 0.17 -1.40
N ASP A 163 3.29 -0.17 -0.90
CA ASP A 163 2.34 -0.97 -1.68
C ASP A 163 1.93 -0.23 -2.95
N LYS A 164 1.72 1.09 -2.87
CA LYS A 164 1.41 1.88 -4.07
C LYS A 164 2.60 1.92 -5.03
N ILE A 165 3.81 2.03 -4.47
CA ILE A 165 5.00 2.20 -5.30
C ILE A 165 5.27 0.95 -6.12
N VAL A 166 5.25 -0.22 -5.49
CA VAL A 166 5.74 -1.41 -6.18
C VAL A 166 4.76 -1.97 -7.19
N ILE A 167 3.51 -1.49 -7.23
CA ILE A 167 2.59 -1.96 -8.27
C ILE A 167 2.66 -1.10 -9.51
N GLN A 168 3.33 0.05 -9.47
CA GLN A 168 3.55 0.83 -10.68
C GLN A 168 4.47 0.07 -11.62
N LYS A 169 4.19 0.17 -12.92
CA LYS A 169 5.08 -0.44 -13.91
C LYS A 169 6.41 0.29 -14.02
N TYR A 170 6.42 1.60 -13.80
CA TYR A 170 7.55 2.47 -14.10
C TYR A 170 7.81 3.44 -12.97
N HIS A 171 9.09 3.73 -12.72
CA HIS A 171 9.49 4.84 -11.86
C HIS A 171 10.62 5.61 -12.53
N THR A 172 10.40 6.89 -12.76
CA THR A 172 11.38 7.76 -13.40
C THR A 172 11.83 8.80 -12.37
N VAL A 173 13.11 8.74 -12.01
CA VAL A 173 13.72 9.63 -11.03
C VAL A 173 15.03 10.14 -11.59
N ASN A 174 15.17 11.46 -11.66
CA ASN A 174 16.41 12.09 -12.13
C ASN A 174 16.76 11.61 -13.54
N GLY A 175 15.73 11.48 -14.38
CA GLY A 175 15.91 10.99 -15.74
C GLY A 175 16.19 9.50 -15.86
N HIS A 176 16.33 8.78 -14.76
CA HIS A 176 16.67 7.37 -14.79
C HIS A 176 15.40 6.54 -14.65
N ASN A 177 15.28 5.49 -15.45
CA ASN A 177 14.24 4.49 -15.25
C ASN A 177 14.70 3.53 -14.16
N CYS A 178 14.00 3.54 -13.03
CA CYS A 178 14.49 2.87 -11.83
C CYS A 178 13.80 1.54 -11.59
N GLU A 179 14.53 0.62 -10.98
CA GLU A 179 13.99 -0.62 -10.45
C GLU A 179 13.64 -0.42 -8.97
N VAL A 180 12.39 -0.70 -8.60
CA VAL A 180 11.96 -0.48 -7.22
C VAL A 180 11.33 -1.76 -6.70
N ARG A 181 11.80 -2.21 -5.54
CA ARG A 181 11.31 -3.43 -4.91
C ARG A 181 11.12 -3.20 -3.42
N LYS A 182 10.27 -4.04 -2.81
CA LYS A 182 10.19 -4.09 -1.36
C LYS A 182 11.54 -4.55 -0.78
N ALA A 183 11.97 -3.92 0.31
CA ALA A 183 13.25 -4.21 0.94
C ALA A 183 13.06 -4.92 2.28
N LEU A 184 13.86 -5.97 2.50
CA LEU A 184 13.85 -6.85 3.68
C LEU A 184 12.40 -7.24 4.00
#